data_4HFP
#
_entry.id   4HFP
#
_cell.length_a   77.229
_cell.length_b   77.229
_cell.length_c   94.875
_cell.angle_alpha   90.00
_cell.angle_beta   90.00
_cell.angle_gamma   90.00
#
_symmetry.space_group_name_H-M   'P 41'
#
loop_
_entity.id
_entity.type
_entity.pdbx_description
1 polymer Prothrombin
2 polymer Prothrombin
3 non-polymer 'SODIUM ION'
4 non-polymer '(2R,4R)-4-methyl-1-(N~2~-{[(3S)-3-methyl-1,2,3,4-tetrahydroquinolin-8-yl]sulfonyl}-L-arginyl)piperidine-2-carboxylic acid'
5 water water
#
loop_
_entity_poly.entity_id
_entity_poly.type
_entity_poly.pdbx_seq_one_letter_code
_entity_poly.pdbx_strand_id
1 'polypeptide(L)' EADCGLRPLFEKKSLEDKTERELLESYIDGR A,C
2 'polypeptide(L)'
;IVEGSDAEIGMSPWQVMLFRKSPQELLCGASLISDRWVLTAAHCLLYPPWDKNFTENDLLVRIGKHSRTRYERNIEKISM
LEKIYIHPRYNWRENLDRDIALMKLKKPVAFSDYIHPVCLPDRETAASLLQAGYKGRVTGWGNLKETWTANVGKGQPSVL
QVVNLPIVERPVCKDSTRIRITDNMFCAGYKPDEGKRGDACEGDAGGPFVMKSPFNNRWYQMGIVSWGEGCDRDGKYGFY
THVFRLKKWIQKVIDQFGE
;
B,D
#
loop_
_chem_comp.id
_chem_comp.type
_chem_comp.name
_chem_comp.formula
15U peptide-like '(2R,4R)-4-methyl-1-(N~2~-{[(3S)-3-methyl-1,2,3,4-tetrahydroquinolin-8-yl]sulfonyl}-L-arginyl)piperidine-2-carboxylic acid' 'C23 H36 N6 O5 S'
NA non-polymer 'SODIUM ION' 'Na 1'
#
# COMPACT_ATOMS: atom_id res chain seq x y z
N GLU A 1 -0.86 5.44 -17.13
CA GLU A 1 0.38 4.61 -17.28
C GLU A 1 0.07 3.11 -17.40
N ALA A 2 -0.59 2.74 -18.49
CA ALA A 2 -0.79 1.32 -18.89
C ALA A 2 -1.33 0.38 -17.79
N ASP A 3 -1.21 -0.92 -18.04
CA ASP A 3 -1.63 -1.94 -17.07
C ASP A 3 -0.42 -2.48 -16.30
N CYS A 4 0.72 -1.82 -16.49
CA CYS A 4 2.00 -2.23 -15.90
C CYS A 4 2.00 -2.28 -14.37
N GLY A 5 2.84 -3.14 -13.82
CA GLY A 5 3.12 -3.18 -12.38
C GLY A 5 2.03 -3.72 -11.47
N LEU A 6 0.85 -3.97 -12.03
CA LEU A 6 -0.27 -4.51 -11.26
C LEU A 6 -0.54 -5.95 -11.68
N ARG A 7 -0.39 -6.86 -10.73
CA ARG A 7 -0.41 -8.30 -11.03
C ARG A 7 -1.84 -8.86 -11.02
N PRO A 8 -2.16 -9.67 -12.05
CA PRO A 8 -3.49 -10.26 -12.18
C PRO A 8 -3.86 -11.18 -11.02
N LEU A 9 -2.91 -11.99 -10.56
CA LEU A 9 -3.16 -12.92 -9.47
C LEU A 9 -3.08 -12.29 -8.08
N PHE A 10 -2.61 -11.04 -8.01
CA PHE A 10 -2.44 -10.36 -6.72
C PHE A 10 -3.12 -8.99 -6.60
N GLU A 11 -2.57 -7.96 -7.25
CA GLU A 11 -3.12 -6.60 -7.19
C GLU A 11 -4.53 -6.51 -7.78
N LYS A 12 -4.80 -7.27 -8.83
CA LYS A 12 -6.13 -7.27 -9.46
C LYS A 12 -7.17 -7.97 -8.58
N LYS A 13 -6.70 -8.89 -7.75
CA LYS A 13 -7.57 -9.69 -6.88
C LYS A 13 -7.60 -9.17 -5.43
N SER A 14 -6.85 -8.11 -5.17
CA SER A 14 -6.70 -7.53 -3.82
C SER A 14 -6.00 -8.49 -2.84
N LEU A 15 -4.99 -9.19 -3.34
CA LEU A 15 -4.26 -10.19 -2.58
C LEU A 15 -2.78 -9.84 -2.43
N GLU A 16 -2.19 -10.22 -1.30
CA GLU A 16 -0.78 -10.02 -1.03
C GLU A 16 0.02 -11.32 -1.15
N ASP A 17 1.25 -11.23 -1.61
CA ASP A 17 2.17 -12.37 -1.56
C ASP A 17 2.88 -12.41 -0.22
N LYS A 18 3.50 -13.55 0.09
CA LYS A 18 4.07 -13.81 1.43
C LYS A 18 5.10 -12.79 1.90
N THR A 19 5.92 -12.28 0.98
CA THR A 19 7.07 -11.45 1.39
C THR A 19 6.91 -9.94 1.20
N GLU A 20 5.82 -9.48 0.59
CA GLU A 20 5.71 -8.04 0.28
C GLU A 20 5.56 -7.11 1.49
N ARG A 21 4.96 -7.60 2.57
CA ARG A 21 4.88 -6.81 3.82
C ARG A 21 6.28 -6.33 4.26
N GLU A 22 7.30 -7.16 4.03
CA GLU A 22 8.69 -6.82 4.32
C GLU A 22 9.12 -5.56 3.56
N LEU A 23 8.79 -5.52 2.27
CA LEU A 23 9.12 -4.40 1.40
C LEU A 23 8.44 -3.10 1.84
N LEU A 24 7.19 -3.20 2.26
CA LEU A 24 6.41 -2.03 2.67
C LEU A 24 6.76 -1.55 4.08
N GLU A 25 7.27 -2.45 4.90
CA GLU A 25 7.85 -2.09 6.20
C GLU A 25 9.08 -1.20 6.04
N SER A 26 9.80 -1.36 4.92
CA SER A 26 11.01 -0.58 4.66
C SER A 26 10.74 0.92 4.48
N TYR A 27 9.49 1.26 4.15
CA TYR A 27 9.06 2.65 4.06
C TYR A 27 8.69 3.24 5.42
N ILE A 28 8.83 2.44 6.48
CA ILE A 28 8.48 2.85 7.85
C ILE A 28 9.60 2.49 8.84
N ASP A 29 10.06 1.24 8.79
CA ASP A 29 11.16 0.76 9.61
C ASP A 29 12.47 1.46 9.24
N ILE B 1 19.86 -17.34 -6.82
CA ILE B 1 19.57 -16.41 -5.69
C ILE B 1 19.91 -17.05 -4.35
N VAL B 2 20.65 -16.32 -3.53
CA VAL B 2 21.03 -16.78 -2.20
C VAL B 2 19.99 -16.34 -1.18
N GLU B 3 19.65 -17.26 -0.26
CA GLU B 3 18.82 -16.96 0.91
C GLU B 3 17.43 -16.43 0.57
N GLY B 4 16.78 -17.06 -0.41
CA GLY B 4 15.43 -16.68 -0.82
C GLY B 4 14.41 -17.79 -0.63
N SER B 5 13.14 -17.44 -0.75
CA SER B 5 12.06 -18.43 -0.72
C SER B 5 11.67 -18.81 -2.14
N ASP B 6 11.00 -19.94 -2.29
CA ASP B 6 10.39 -20.31 -3.56
C ASP B 6 9.32 -19.26 -3.89
N ALA B 7 9.31 -18.79 -5.14
CA ALA B 7 8.36 -17.77 -5.57
C ALA B 7 6.95 -18.35 -5.71
N GLU B 8 5.95 -17.52 -5.47
CA GLU B 8 4.55 -17.92 -5.69
C GLU B 8 4.21 -17.81 -7.17
N ILE B 9 3.13 -18.47 -7.56
CA ILE B 9 2.67 -18.46 -8.95
C ILE B 9 2.16 -17.06 -9.31
N GLY B 10 2.78 -16.44 -10.31
CA GLY B 10 2.41 -15.11 -10.78
C GLY B 10 2.83 -14.00 -9.83
N MET B 11 3.82 -14.29 -8.99
CA MET B 11 4.38 -13.35 -8.04
C MET B 11 5.25 -12.33 -8.78
N SER B 12 5.97 -12.81 -9.79
CA SER B 12 6.81 -11.96 -10.63
C SER B 12 6.56 -12.27 -12.12
N PRO B 13 5.40 -11.83 -12.65
CA PRO B 13 4.94 -12.26 -13.98
C PRO B 13 5.73 -11.65 -15.13
N TRP B 14 6.55 -10.65 -14.84
CA TRP B 14 7.41 -10.01 -15.83
C TRP B 14 8.74 -10.75 -16.04
N GLN B 15 9.02 -11.72 -15.16
CA GLN B 15 10.30 -12.43 -15.18
C GLN B 15 10.48 -13.28 -16.44
N VAL B 16 11.65 -13.12 -17.07
CA VAL B 16 11.95 -13.78 -18.34
C VAL B 16 13.24 -14.61 -18.24
N MET B 17 13.19 -15.84 -18.74
CA MET B 17 14.38 -16.66 -18.90
C MET B 17 15.04 -16.41 -20.24
N LEU B 18 16.30 -15.96 -20.21
CA LEU B 18 17.11 -15.92 -21.41
C LEU B 18 17.76 -17.30 -21.59
N PHE B 19 17.64 -17.84 -22.79
CA PHE B 19 18.00 -19.23 -23.05
C PHE B 19 18.86 -19.32 -24.30
N ARG B 20 19.85 -20.21 -24.27
CA ARG B 20 20.74 -20.45 -25.40
C ARG B 20 20.19 -21.61 -26.25
N LYS B 21 20.38 -21.51 -27.57
CA LYS B 21 19.94 -22.57 -28.47
C LYS B 21 20.99 -23.67 -28.61
N SER B 22 22.17 -23.29 -29.10
CA SER B 22 23.25 -24.24 -29.37
C SER B 22 24.44 -24.00 -28.43
N PRO B 23 24.52 -24.77 -27.32
CA PRO B 23 23.56 -25.79 -26.88
C PRO B 23 22.51 -25.27 -25.90
N GLN B 24 21.58 -26.15 -25.54
CA GLN B 24 20.47 -25.85 -24.63
C GLN B 24 20.99 -25.46 -23.25
N GLU B 25 20.79 -24.19 -22.88
CA GLU B 25 21.36 -23.64 -21.65
C GLU B 25 20.66 -22.34 -21.21
N LEU B 26 20.37 -22.24 -19.92
CA LEU B 26 19.97 -20.97 -19.33
C LEU B 26 21.20 -20.05 -19.27
N LEU B 27 21.05 -18.83 -19.79
CA LEU B 27 22.15 -17.87 -19.75
C LEU B 27 21.94 -16.83 -18.65
N CYS B 28 20.78 -16.18 -18.67
CA CYS B 28 20.51 -15.06 -17.78
C CYS B 28 19.02 -14.93 -17.46
N GLY B 29 18.71 -13.99 -16.57
CA GLY B 29 17.35 -13.54 -16.34
C GLY B 29 17.07 -12.31 -17.20
N ALA B 30 15.83 -11.82 -17.13
CA ALA B 30 15.41 -10.65 -17.91
C ALA B 30 14.00 -10.27 -17.49
N SER B 31 13.52 -9.12 -17.98
CA SER B 31 12.19 -8.65 -17.60
C SER B 31 11.34 -8.16 -18.79
N LEU B 32 10.04 -8.39 -18.69
CA LEU B 32 9.06 -7.95 -19.68
C LEU B 32 8.61 -6.53 -19.36
N ILE B 33 8.78 -5.62 -20.32
CA ILE B 33 8.44 -4.20 -20.12
C ILE B 33 7.34 -3.70 -21.06
N SER B 34 7.09 -4.46 -22.12
CA SER B 34 5.93 -4.28 -23.00
C SER B 34 5.56 -5.64 -23.60
N ASP B 35 4.84 -5.65 -24.71
CA ASP B 35 4.55 -6.92 -25.40
C ASP B 35 5.61 -7.26 -26.45
N ARG B 36 6.34 -6.24 -26.92
CA ARG B 36 7.37 -6.44 -27.95
C ARG B 36 8.79 -6.47 -27.39
N TRP B 37 8.96 -6.02 -26.14
CA TRP B 37 10.30 -5.74 -25.61
C TRP B 37 10.67 -6.44 -24.31
N VAL B 38 11.95 -6.83 -24.22
CA VAL B 38 12.52 -7.42 -23.01
C VAL B 38 13.77 -6.65 -22.55
N LEU B 39 13.85 -6.41 -21.24
CA LEU B 39 14.95 -5.70 -20.63
C LEU B 39 15.93 -6.68 -19.98
N THR B 40 17.19 -6.62 -20.40
CA THR B 40 18.25 -7.50 -19.85
C THR B 40 19.59 -6.76 -19.66
N ALA B 41 20.55 -7.46 -19.05
CA ALA B 41 21.92 -6.97 -18.91
C ALA B 41 22.66 -7.12 -20.22
N ALA B 42 23.58 -6.20 -20.49
CA ALA B 42 24.37 -6.23 -21.73
C ALA B 42 25.41 -7.34 -21.73
N HIS B 43 26.02 -7.60 -20.57
CA HIS B 43 27.09 -8.60 -20.44
C HIS B 43 26.59 -10.03 -20.62
N CYS B 44 25.27 -10.20 -20.56
CA CYS B 44 24.62 -11.48 -20.83
C CYS B 44 24.69 -11.82 -22.31
N LEU B 45 24.82 -10.79 -23.15
CA LEU B 45 24.82 -10.95 -24.60
C LEU B 45 26.19 -10.66 -25.22
N LEU B 46 26.97 -9.82 -24.54
CA LEU B 46 28.27 -9.39 -25.05
C LEU B 46 29.35 -9.38 -23.97
N TYR B 47 30.32 -10.27 -24.11
CA TYR B 47 31.50 -10.27 -23.25
C TYR B 47 32.74 -10.78 -24.02
N PRO B 48 33.54 -9.84 -24.57
CA PRO B 48 34.74 -10.15 -25.33
C PRO B 48 35.86 -10.95 -24.62
N PRO B 49 36.12 -10.69 -23.31
CA PRO B 49 37.19 -11.45 -22.67
C PRO B 49 36.96 -12.97 -22.66
N TRP B 50 35.70 -13.39 -22.76
CA TRP B 50 35.39 -14.81 -22.89
C TRP B 50 34.88 -15.16 -24.29
N ASP B 51 35.09 -14.24 -25.24
CA ASP B 51 34.64 -14.39 -26.63
C ASP B 51 33.13 -14.67 -26.70
N LYS B 52 32.35 -13.89 -25.96
CA LYS B 52 30.91 -14.04 -25.88
C LYS B 52 30.22 -12.95 -26.70
N ASN B 53 29.47 -13.36 -27.72
CA ASN B 53 28.69 -12.46 -28.56
C ASN B 53 27.54 -13.22 -29.22
N PHE B 54 26.31 -12.88 -28.83
CA PHE B 54 25.14 -13.61 -29.28
C PHE B 54 24.30 -12.83 -30.28
N THR B 55 23.83 -13.53 -31.31
CA THR B 55 22.89 -12.96 -32.26
C THR B 55 21.45 -13.31 -31.88
N GLU B 56 20.51 -13.04 -32.79
CA GLU B 56 19.08 -13.23 -32.54
C GLU B 56 18.62 -14.68 -32.70
N ASN B 57 19.33 -15.43 -33.56
CA ASN B 57 19.01 -16.84 -33.80
C ASN B 57 19.77 -17.80 -32.89
N ASP B 58 20.56 -17.25 -31.97
CA ASP B 58 21.28 -18.03 -30.96
C ASP B 58 20.50 -18.10 -29.66
N LEU B 59 19.72 -17.05 -29.40
CA LEU B 59 19.02 -16.90 -28.13
C LEU B 59 17.52 -17.17 -28.23
N LEU B 60 16.89 -17.27 -27.07
CA LEU B 60 15.48 -17.62 -26.97
C LEU B 60 14.98 -17.17 -25.59
N VAL B 61 13.81 -16.53 -25.56
CA VAL B 61 13.26 -16.03 -24.31
C VAL B 61 11.99 -16.76 -23.88
N ARG B 62 11.89 -17.05 -22.58
CA ARG B 62 10.72 -17.75 -22.01
C ARG B 62 10.11 -16.92 -20.89
N ILE B 63 8.85 -16.51 -21.07
CA ILE B 63 8.13 -15.74 -20.06
C ILE B 63 7.10 -16.65 -19.39
N GLY B 64 6.62 -16.24 -18.21
CA GLY B 64 5.55 -16.95 -17.52
C GLY B 64 5.97 -18.27 -16.89
N LYS B 65 7.26 -18.39 -16.60
CA LYS B 65 7.81 -19.61 -16.02
C LYS B 65 7.87 -19.58 -14.50
N HIS B 66 7.80 -20.77 -13.92
CA HIS B 66 7.88 -20.97 -12.47
C HIS B 66 8.93 -22.03 -12.16
N SER B 67 8.72 -23.24 -12.68
CA SER B 67 9.64 -24.37 -12.46
C SER B 67 10.80 -24.37 -13.47
N ARG B 68 11.62 -25.42 -13.41
CA ARG B 68 12.73 -25.62 -14.34
C ARG B 68 12.97 -27.09 -14.66
N THR B 69 12.62 -27.95 -13.71
CA THR B 69 12.54 -29.39 -13.97
C THR B 69 11.16 -29.72 -14.58
N ARG B 70 10.60 -28.72 -15.28
CA ARG B 70 9.31 -28.87 -15.95
C ARG B 70 9.14 -27.87 -17.10
N TYR B 71 8.70 -28.37 -18.25
CA TYR B 71 8.23 -27.54 -19.34
C TYR B 71 6.73 -27.33 -19.14
N GLU B 72 6.35 -26.10 -18.85
CA GLU B 72 5.00 -25.75 -18.42
C GLU B 72 4.07 -25.43 -19.58
N ARG B 73 3.31 -26.43 -20.00
CA ARG B 73 2.45 -26.35 -21.20
C ARG B 73 1.25 -25.45 -20.98
N ASN B 74 1.00 -24.58 -21.96
CA ASN B 74 -0.12 -23.62 -21.95
C ASN B 74 0.02 -22.51 -20.89
N ILE B 75 1.17 -22.48 -20.22
CA ILE B 75 1.47 -21.47 -19.21
C ILE B 75 2.62 -20.57 -19.66
N GLU B 76 3.73 -21.19 -20.07
CA GLU B 76 4.86 -20.43 -20.57
C GLU B 76 4.77 -20.24 -22.08
N LYS B 77 5.04 -19.02 -22.53
CA LYS B 77 5.14 -18.73 -23.95
C LYS B 77 6.58 -18.40 -24.33
N ILE B 78 7.02 -18.94 -25.46
CA ILE B 78 8.40 -18.81 -25.89
C ILE B 78 8.49 -17.93 -27.12
N SER B 79 9.15 -16.78 -26.96
CA SER B 79 9.27 -15.80 -28.03
C SER B 79 10.63 -15.88 -28.73
N MET B 80 10.61 -15.67 -30.04
CA MET B 80 11.83 -15.53 -30.82
C MET B 80 12.27 -14.08 -30.84
N LEU B 81 13.54 -13.85 -31.12
CA LEU B 81 14.12 -12.51 -31.09
C LEU B 81 14.30 -11.91 -32.49
N GLU B 82 13.96 -10.63 -32.61
CA GLU B 82 14.00 -9.90 -33.87
C GLU B 82 15.32 -9.13 -33.98
N LYS B 83 15.59 -8.28 -32.98
CA LYS B 83 16.80 -7.45 -32.97
C LYS B 83 17.34 -7.24 -31.55
N ILE B 84 18.65 -7.02 -31.45
CA ILE B 84 19.35 -6.78 -30.19
C ILE B 84 19.95 -5.38 -30.15
N TYR B 85 19.69 -4.65 -29.06
CA TYR B 85 20.23 -3.31 -28.88
C TYR B 85 21.05 -3.25 -27.59
N ILE B 86 22.34 -3.00 -27.72
CA ILE B 86 23.25 -2.89 -26.59
C ILE B 86 23.76 -1.46 -26.51
N HIS B 87 23.86 -0.92 -25.30
CA HIS B 87 24.36 0.45 -25.10
C HIS B 87 25.77 0.60 -25.69
N PRO B 88 25.99 1.63 -26.54
CA PRO B 88 27.29 1.89 -27.16
C PRO B 88 28.42 2.12 -26.14
N ARG B 89 28.09 2.80 -25.05
CA ARG B 89 29.09 3.16 -24.04
C ARG B 89 29.21 2.10 -22.93
N TYR B 90 28.74 0.89 -23.22
CA TYR B 90 28.80 -0.22 -22.26
C TYR B 90 30.24 -0.69 -22.04
N ASN B 91 30.74 -0.47 -20.82
CA ASN B 91 32.12 -0.78 -20.49
C ASN B 91 32.29 -2.18 -19.90
N TRP B 92 32.72 -3.11 -20.74
CA TRP B 92 32.97 -4.48 -20.31
C TRP B 92 34.41 -4.67 -19.82
N ARG B 93 35.19 -3.60 -19.87
CA ARG B 93 36.62 -3.67 -19.58
C ARG B 93 36.98 -3.51 -18.10
N GLU B 94 36.09 -2.88 -17.34
CA GLU B 94 36.43 -2.48 -15.98
C GLU B 94 35.31 -2.68 -14.95
N ASN B 95 34.18 -2.04 -15.17
CA ASN B 95 33.13 -1.97 -14.13
C ASN B 95 31.72 -2.31 -14.58
N LEU B 96 31.56 -2.56 -15.87
CA LEU B 96 30.26 -2.86 -16.47
C LEU B 96 29.34 -1.65 -16.44
N ASP B 97 29.93 -0.48 -16.67
CA ASP B 97 29.18 0.76 -16.83
C ASP B 97 28.19 0.59 -17.97
N ARG B 98 26.96 1.04 -17.74
CA ARG B 98 25.87 0.92 -18.71
C ARG B 98 25.66 -0.52 -19.19
N ASP B 99 25.67 -1.45 -18.24
CA ASP B 99 25.39 -2.85 -18.48
C ASP B 99 23.89 -3.01 -18.68
N ILE B 100 23.46 -2.75 -19.92
CA ILE B 100 22.05 -2.74 -20.28
C ILE B 100 21.86 -3.08 -21.75
N ALA B 101 20.92 -3.98 -22.02
CA ALA B 101 20.56 -4.34 -23.38
C ALA B 101 19.04 -4.45 -23.51
N LEU B 102 18.55 -4.23 -24.73
CA LEU B 102 17.13 -4.38 -25.05
C LEU B 102 16.95 -5.39 -26.18
N MET B 103 15.84 -6.13 -26.13
CA MET B 103 15.57 -7.18 -27.12
C MET B 103 14.13 -7.13 -27.61
N LYS B 104 13.96 -6.83 -28.89
CA LYS B 104 12.64 -6.82 -29.50
C LYS B 104 12.28 -8.24 -29.94
N LEU B 105 11.15 -8.72 -29.44
CA LEU B 105 10.62 -10.02 -29.83
C LEU B 105 10.15 -9.98 -31.28
N LYS B 106 10.20 -11.13 -31.95
CA LYS B 106 9.69 -11.26 -33.32
C LYS B 106 8.18 -11.05 -33.38
N LYS B 107 7.47 -11.69 -32.44
CA LYS B 107 6.02 -11.60 -32.36
C LYS B 107 5.63 -11.08 -30.97
N PRO B 108 4.51 -10.33 -30.88
CA PRO B 108 4.11 -9.83 -29.57
C PRO B 108 3.62 -10.96 -28.67
N VAL B 109 3.75 -10.76 -27.37
CA VAL B 109 3.33 -11.75 -26.39
C VAL B 109 1.96 -11.37 -25.81
N ALA B 110 1.04 -12.34 -25.81
CA ALA B 110 -0.27 -12.19 -25.19
C ALA B 110 -0.13 -12.23 -23.67
N PHE B 111 -0.81 -11.32 -23.00
CA PHE B 111 -0.74 -11.22 -21.54
C PHE B 111 -1.77 -12.12 -20.87
N SER B 112 -1.34 -12.79 -19.81
CA SER B 112 -2.19 -13.69 -19.04
C SER B 112 -1.98 -13.47 -17.55
N ASP B 113 -2.33 -14.48 -16.74
CA ASP B 113 -2.10 -14.44 -15.29
C ASP B 113 -0.60 -14.55 -14.96
N TYR B 114 0.16 -15.12 -15.88
CA TYR B 114 1.56 -15.47 -15.66
C TYR B 114 2.51 -14.56 -16.46
N ILE B 115 1.97 -13.87 -17.46
CA ILE B 115 2.75 -12.95 -18.29
C ILE B 115 2.16 -11.55 -18.19
N HIS B 116 2.96 -10.60 -17.73
CA HIS B 116 2.53 -9.21 -17.50
C HIS B 116 3.73 -8.28 -17.33
N PRO B 117 3.75 -7.14 -18.06
CA PRO B 117 4.90 -6.24 -18.03
C PRO B 117 5.02 -5.38 -16.76
N VAL B 118 6.25 -5.04 -16.41
CA VAL B 118 6.56 -4.18 -15.27
C VAL B 118 6.55 -2.71 -15.71
N CYS B 119 6.49 -1.79 -14.75
CA CYS B 119 6.56 -0.36 -15.04
C CYS B 119 7.99 0.12 -14.95
N LEU B 120 8.34 1.05 -15.83
CA LEU B 120 9.61 1.73 -15.76
C LEU B 120 9.41 3.08 -15.09
N PRO B 121 10.31 3.46 -14.17
CA PRO B 121 10.11 4.69 -13.41
C PRO B 121 10.37 5.94 -14.23
N ASP B 122 9.85 7.07 -13.75
CA ASP B 122 10.24 8.38 -14.23
C ASP B 122 10.96 9.10 -13.08
N ARG B 123 11.03 10.43 -13.16
CA ARG B 123 11.73 11.23 -12.14
C ARG B 123 11.08 11.09 -10.77
N GLU B 124 9.81 11.49 -10.65
CA GLU B 124 9.09 11.51 -9.38
C GLU B 124 9.09 10.15 -8.66
N THR B 125 8.81 9.08 -9.40
CA THR B 125 8.81 7.72 -8.85
C THR B 125 10.20 7.28 -8.40
N ALA B 126 11.22 7.66 -9.16
CA ALA B 126 12.61 7.37 -8.81
C ALA B 126 13.04 8.06 -7.52
N ALA B 127 12.58 9.31 -7.35
CA ALA B 127 12.94 10.12 -6.19
C ALA B 127 12.30 9.63 -4.89
N SER B 128 11.12 9.02 -5.01
CA SER B 128 10.40 8.51 -3.83
C SER B 128 10.72 7.05 -3.50
N LEU B 129 11.31 6.32 -4.44
CA LEU B 129 11.61 4.89 -4.26
C LEU B 129 13.10 4.58 -4.02
N LEU B 130 14.00 5.24 -4.73
CA LEU B 130 15.42 4.92 -4.63
C LEU B 130 16.08 5.61 -3.43
N GLN B 131 15.98 4.98 -2.27
CA GLN B 131 16.54 5.50 -1.03
C GLN B 131 17.14 4.37 -0.22
N ALA B 132 18.29 4.63 0.41
CA ALA B 132 19.01 3.59 1.15
C ALA B 132 18.29 3.20 2.44
N GLY B 133 18.05 1.90 2.59
CA GLY B 133 17.22 1.38 3.66
C GLY B 133 15.88 0.88 3.14
N TYR B 134 15.51 1.34 1.94
CA TYR B 134 14.32 0.86 1.24
C TYR B 134 14.61 -0.48 0.59
N LYS B 135 13.68 -1.42 0.73
CA LYS B 135 13.88 -2.77 0.22
C LYS B 135 13.26 -2.99 -1.16
N GLY B 136 14.06 -3.59 -2.05
CA GLY B 136 13.56 -4.02 -3.36
C GLY B 136 13.56 -5.53 -3.45
N ARG B 137 13.26 -6.06 -4.65
CA ARG B 137 13.12 -7.50 -4.84
C ARG B 137 13.80 -8.02 -6.11
N VAL B 138 14.65 -9.02 -5.94
CA VAL B 138 15.38 -9.64 -7.05
C VAL B 138 14.83 -11.04 -7.31
N THR B 139 14.79 -11.42 -8.58
CA THR B 139 14.25 -12.71 -9.00
C THR B 139 15.19 -13.44 -9.96
N GLY B 140 15.19 -14.77 -9.89
CA GLY B 140 16.00 -15.57 -10.78
C GLY B 140 16.05 -17.06 -10.48
N TRP B 141 16.60 -17.81 -11.44
CA TRP B 141 16.79 -19.25 -11.31
C TRP B 141 18.26 -19.58 -11.09
N GLY B 142 19.06 -18.57 -10.76
CA GLY B 142 20.50 -18.75 -10.60
C GLY B 142 20.90 -19.54 -9.38
N ASN B 143 22.20 -19.78 -9.24
CA ASN B 143 22.78 -20.55 -8.13
C ASN B 143 22.36 -20.05 -6.75
N LEU B 144 22.22 -20.99 -5.82
CA LEU B 144 21.78 -20.69 -4.45
C LEU B 144 22.94 -20.28 -3.53
N LYS B 145 24.15 -20.69 -3.87
CA LYS B 145 25.34 -20.35 -3.10
C LYS B 145 26.48 -19.93 -4.02
N GLU B 146 27.48 -19.25 -3.47
CA GLU B 146 28.61 -18.76 -4.26
C GLU B 146 29.35 -19.88 -4.97
N THR B 147 29.47 -19.74 -6.30
CA THR B 147 30.18 -20.70 -7.14
C THR B 147 31.68 -20.41 -7.17
N TRP B 148 32.46 -21.44 -7.49
CA TRP B 148 33.92 -21.34 -7.57
C TRP B 148 34.39 -20.60 -8.81
N THR B 149 33.87 -20.99 -9.97
CA THR B 149 34.19 -20.29 -11.22
C THR B 149 33.08 -19.29 -11.55
N ALA B 150 33.27 -18.53 -12.62
CA ALA B 150 32.47 -17.33 -12.86
C ALA B 150 31.25 -17.48 -13.78
N ASN B 151 30.52 -18.59 -13.63
CA ASN B 151 29.19 -18.74 -14.26
C ASN B 151 28.28 -19.84 -13.70
N VAL B 152 27.20 -20.13 -14.43
CA VAL B 152 26.16 -21.06 -14.00
C VAL B 152 26.71 -22.49 -13.93
N GLY B 153 26.33 -23.19 -12.87
CA GLY B 153 26.83 -24.55 -12.65
C GLY B 153 25.87 -25.45 -11.89
N LYS B 154 26.41 -26.12 -10.87
CA LYS B 154 25.63 -27.03 -10.03
C LYS B 154 25.31 -26.31 -8.74
N GLY B 155 24.03 -26.34 -8.36
CA GLY B 155 23.52 -25.62 -7.19
C GLY B 155 22.29 -24.82 -7.55
N GLN B 156 21.60 -25.25 -8.60
CA GLN B 156 20.42 -24.59 -9.12
C GLN B 156 19.17 -24.95 -8.32
N PRO B 157 18.19 -24.04 -8.24
CA PRO B 157 16.88 -24.37 -7.69
C PRO B 157 15.95 -24.92 -8.78
N SER B 158 14.98 -25.76 -8.39
CA SER B 158 14.02 -26.32 -9.33
C SER B 158 12.92 -25.31 -9.69
N VAL B 159 12.84 -24.24 -8.90
CA VAL B 159 11.76 -23.25 -9.02
C VAL B 159 12.35 -21.85 -8.88
N LEU B 160 11.74 -20.88 -9.58
CA LEU B 160 12.11 -19.47 -9.45
C LEU B 160 12.18 -19.05 -7.98
N GLN B 161 13.22 -18.28 -7.65
CA GLN B 161 13.45 -17.86 -6.27
C GLN B 161 13.32 -16.34 -6.12
N VAL B 162 13.02 -15.90 -4.90
CA VAL B 162 12.77 -14.49 -4.61
C VAL B 162 13.49 -14.04 -3.33
N VAL B 163 14.18 -12.90 -3.41
CA VAL B 163 14.84 -12.29 -2.25
C VAL B 163 14.57 -10.80 -2.19
N ASN B 164 14.52 -10.26 -0.97
CA ASN B 164 14.31 -8.84 -0.75
C ASN B 164 15.56 -8.19 -0.17
N LEU B 165 16.04 -7.14 -0.82
CA LEU B 165 17.31 -6.53 -0.45
C LEU B 165 17.20 -5.03 -0.21
N PRO B 166 17.87 -4.52 0.84
CA PRO B 166 17.87 -3.07 1.07
C PRO B 166 18.87 -2.34 0.17
N ILE B 167 18.45 -1.17 -0.33
CA ILE B 167 19.32 -0.29 -1.10
C ILE B 167 20.36 0.30 -0.14
N VAL B 168 21.60 0.44 -0.62
CA VAL B 168 22.72 0.84 0.21
C VAL B 168 23.25 2.22 -0.19
N GLU B 169 23.64 3.00 0.81
CA GLU B 169 24.28 4.31 0.62
C GLU B 169 25.49 4.22 -0.33
N ARG B 170 25.66 5.25 -1.17
CA ARG B 170 26.76 5.32 -2.12
C ARG B 170 28.16 5.11 -1.51
N PRO B 171 28.49 5.86 -0.42
CA PRO B 171 29.83 5.70 0.15
C PRO B 171 30.18 4.23 0.46
N VAL B 172 29.25 3.54 1.13
CA VAL B 172 29.40 2.13 1.49
C VAL B 172 29.54 1.24 0.24
N CYS B 173 28.80 1.56 -0.81
CA CYS B 173 28.93 0.87 -2.10
C CYS B 173 30.38 0.99 -2.60
N LYS B 174 30.92 2.20 -2.53
CA LYS B 174 32.26 2.50 -3.01
C LYS B 174 33.34 1.88 -2.15
N ASP B 175 33.13 1.88 -0.83
CA ASP B 175 34.13 1.37 0.13
C ASP B 175 34.08 -0.14 0.27
N SER B 176 33.15 -0.77 -0.46
CA SER B 176 32.99 -2.22 -0.43
C SER B 176 33.79 -2.91 -1.52
N THR B 177 34.29 -2.12 -2.49
CA THR B 177 35.02 -2.68 -3.62
C THR B 177 36.12 -1.75 -4.12
N ARG B 178 37.20 -2.34 -4.63
CA ARG B 178 38.29 -1.58 -5.23
C ARG B 178 37.93 -1.17 -6.66
N ILE B 179 37.02 -1.94 -7.27
CA ILE B 179 36.46 -1.62 -8.59
C ILE B 179 35.80 -0.23 -8.61
N ARG B 180 36.16 0.56 -9.61
CA ARG B 180 35.69 1.94 -9.76
C ARG B 180 34.22 2.00 -10.18
N ILE B 181 33.36 2.37 -9.24
CA ILE B 181 31.93 2.44 -9.52
C ILE B 181 31.55 3.71 -10.29
N THR B 182 30.37 3.69 -10.90
CA THR B 182 29.85 4.86 -11.62
C THR B 182 28.46 5.19 -11.09
N ASP B 183 27.86 6.24 -11.66
CA ASP B 183 26.54 6.71 -11.21
C ASP B 183 25.40 6.04 -11.99
N ASN B 184 25.75 5.24 -12.98
CA ASN B 184 24.77 4.49 -13.77
C ASN B 184 24.46 3.13 -13.15
N MET B 185 24.91 2.97 -11.90
CA MET B 185 24.70 1.75 -11.12
C MET B 185 24.52 2.09 -9.64
N PHE B 186 23.73 1.27 -8.96
CA PHE B 186 23.57 1.36 -7.50
C PHE B 186 23.86 0.00 -6.87
N CYS B 187 24.00 -0.04 -5.55
CA CYS B 187 24.28 -1.30 -4.86
C CYS B 187 23.22 -1.64 -3.80
N ALA B 188 23.02 -2.93 -3.57
CA ALA B 188 21.95 -3.39 -2.69
C ALA B 188 22.35 -4.63 -1.89
N GLY B 189 21.77 -4.77 -0.70
CA GLY B 189 22.03 -5.91 0.17
C GLY B 189 22.23 -5.48 1.61
N TYR B 190 22.22 -6.46 2.51
CA TYR B 190 22.36 -6.21 3.94
C TYR B 190 23.84 -6.01 4.35
N LYS B 191 24.03 -5.28 5.44
CA LYS B 191 25.35 -4.99 6.00
C LYS B 191 25.76 -6.06 7.01
N PRO B 192 27.08 -6.23 7.25
CA PRO B 192 27.52 -7.16 8.29
C PRO B 192 26.71 -6.94 9.57
N ASP B 193 26.73 -5.70 10.08
CA ASP B 193 25.86 -5.27 11.16
C ASP B 193 24.42 -5.09 10.71
N GLU B 194 23.75 -6.21 10.40
CA GLU B 194 22.32 -6.24 10.06
C GLU B 194 21.73 -7.65 10.15
N GLY B 195 22.61 -8.66 10.07
CA GLY B 195 22.25 -10.05 10.37
C GLY B 195 21.03 -10.61 9.66
N LYS B 196 20.92 -10.30 8.38
CA LYS B 196 19.92 -10.87 7.50
C LYS B 196 20.67 -11.04 6.18
N ARG B 197 20.45 -12.15 5.50
CA ARG B 197 21.28 -12.49 4.35
C ARG B 197 20.51 -12.57 3.05
N GLY B 198 21.22 -12.49 1.93
CA GLY B 198 20.62 -12.57 0.62
C GLY B 198 21.43 -11.82 -0.42
N ASP B 199 21.55 -12.43 -1.60
CA ASP B 199 22.26 -11.82 -2.72
C ASP B 199 21.83 -12.52 -4.01
N ALA B 200 22.01 -11.83 -5.13
CA ALA B 200 21.88 -12.46 -6.43
C ALA B 200 23.15 -13.24 -6.68
N CYS B 201 23.07 -14.28 -7.49
CA CYS B 201 24.25 -15.06 -7.82
C CYS B 201 24.27 -15.38 -9.30
N GLU B 202 25.14 -16.30 -9.72
CA GLU B 202 25.27 -16.64 -11.14
C GLU B 202 23.98 -17.17 -11.76
N GLY B 203 23.65 -16.67 -12.94
CA GLY B 203 22.42 -17.04 -13.64
C GLY B 203 21.26 -16.12 -13.33
N ASP B 204 21.49 -15.15 -12.46
CA ASP B 204 20.46 -14.18 -12.09
C ASP B 204 20.65 -12.86 -12.84
N ALA B 205 21.85 -12.65 -13.36
CA ALA B 205 22.18 -11.46 -14.15
C ALA B 205 21.13 -11.22 -15.23
N GLY B 206 20.73 -9.95 -15.39
CA GLY B 206 19.72 -9.59 -16.38
C GLY B 206 18.34 -9.43 -15.77
N GLY B 207 18.03 -10.23 -14.77
CA GLY B 207 16.75 -10.18 -14.07
C GLY B 207 16.49 -8.85 -13.39
N PRO B 208 15.22 -8.60 -13.01
CA PRO B 208 14.82 -7.30 -12.48
C PRO B 208 15.07 -7.13 -10.99
N PHE B 209 15.30 -5.89 -10.59
CA PHE B 209 15.26 -5.46 -9.20
C PHE B 209 14.07 -4.53 -9.14
N VAL B 210 13.04 -4.94 -8.40
CA VAL B 210 11.76 -4.25 -8.45
C VAL B 210 11.40 -3.67 -7.09
N MET B 211 10.47 -2.72 -7.11
CA MET B 211 9.97 -2.07 -5.90
C MET B 211 8.51 -1.77 -6.12
N LYS B 212 7.70 -1.91 -5.07
CA LYS B 212 6.28 -1.56 -5.17
C LYS B 212 6.04 -0.18 -4.57
N SER B 213 5.46 0.71 -5.38
CA SER B 213 5.07 2.04 -4.92
C SER B 213 3.99 1.92 -3.83
N PRO B 214 4.26 2.51 -2.65
CA PRO B 214 3.32 2.41 -1.53
C PRO B 214 2.06 3.23 -1.74
N PHE B 215 2.10 4.11 -2.74
CA PHE B 215 0.96 4.99 -3.04
C PHE B 215 0.05 4.37 -4.08
N ASN B 216 0.58 4.17 -5.29
CA ASN B 216 -0.20 3.77 -6.47
C ASN B 216 -0.28 2.25 -6.72
N ASN B 217 0.35 1.46 -5.85
CA ASN B 217 0.28 -0.02 -5.87
C ASN B 217 0.96 -0.72 -7.06
N ARG B 218 1.60 0.05 -7.93
CA ARG B 218 2.29 -0.52 -9.11
C ARG B 218 3.72 -0.93 -8.79
N TRP B 219 4.17 -2.00 -9.44
CA TRP B 219 5.54 -2.47 -9.36
C TRP B 219 6.43 -1.78 -10.40
N TYR B 220 7.55 -1.22 -9.93
CA TYR B 220 8.48 -0.49 -10.79
C TYR B 220 9.84 -1.17 -10.75
N GLN B 221 10.46 -1.31 -11.92
CA GLN B 221 11.79 -1.90 -11.99
C GLN B 221 12.88 -0.84 -11.91
N MET B 222 13.55 -0.79 -10.77
CA MET B 222 14.57 0.23 -10.49
C MET B 222 15.98 -0.25 -10.87
N GLY B 223 16.14 -1.56 -10.99
CA GLY B 223 17.46 -2.14 -11.24
C GLY B 223 17.50 -3.40 -12.09
N ILE B 224 18.67 -3.67 -12.65
CA ILE B 224 18.95 -4.89 -13.38
C ILE B 224 20.12 -5.57 -12.69
N VAL B 225 20.02 -6.88 -12.49
CA VAL B 225 21.12 -7.66 -11.92
C VAL B 225 22.33 -7.54 -12.83
N SER B 226 23.39 -6.91 -12.31
CA SER B 226 24.56 -6.61 -13.12
C SER B 226 25.79 -7.36 -12.65
N TRP B 227 26.35 -6.95 -11.50
CA TRP B 227 27.56 -7.59 -11.01
C TRP B 227 27.72 -7.54 -9.49
N GLY B 228 28.71 -8.29 -9.01
CA GLY B 228 29.10 -8.31 -7.61
C GLY B 228 30.42 -9.05 -7.49
N GLU B 229 30.99 -9.06 -6.29
CA GLU B 229 32.17 -9.86 -6.02
C GLU B 229 31.74 -11.01 -5.11
N GLY B 230 31.88 -12.23 -5.62
CA GLY B 230 31.35 -13.42 -4.96
C GLY B 230 29.84 -13.44 -4.99
N CYS B 231 29.25 -14.09 -3.98
CA CYS B 231 27.80 -14.05 -3.74
C CYS B 231 27.54 -14.07 -2.23
N ASP B 232 26.85 -13.05 -1.74
CA ASP B 232 26.46 -12.94 -0.33
C ASP B 232 27.62 -12.79 0.66
N ARG B 233 28.74 -12.24 0.21
CA ARG B 233 29.91 -12.06 1.08
C ARG B 233 29.70 -10.89 2.03
N ASP B 234 30.18 -11.05 3.27
CA ASP B 234 30.08 -10.01 4.28
C ASP B 234 30.89 -8.77 3.88
N GLY B 235 30.21 -7.63 3.76
CA GLY B 235 30.84 -6.38 3.33
C GLY B 235 30.87 -6.21 1.83
N LYS B 236 30.21 -7.12 1.12
CA LYS B 236 30.02 -7.03 -0.31
C LYS B 236 28.54 -6.84 -0.63
N TYR B 237 28.26 -6.09 -1.69
CA TYR B 237 26.90 -5.82 -2.12
C TYR B 237 26.78 -6.01 -3.62
N GLY B 238 25.64 -6.55 -4.05
CA GLY B 238 25.34 -6.68 -5.47
C GLY B 238 25.08 -5.33 -6.09
N PHE B 239 25.63 -5.12 -7.28
CA PHE B 239 25.48 -3.87 -8.00
C PHE B 239 24.46 -4.02 -9.11
N TYR B 240 23.55 -3.07 -9.18
CA TYR B 240 22.46 -3.12 -10.14
C TYR B 240 22.48 -1.89 -11.04
N THR B 241 22.43 -2.14 -12.34
CA THR B 241 22.32 -1.09 -13.33
C THR B 241 21.16 -0.16 -12.98
N HIS B 242 21.47 1.12 -12.82
CA HIS B 242 20.50 2.16 -12.48
C HIS B 242 19.58 2.39 -13.68
N VAL B 243 18.36 1.85 -13.60
CA VAL B 243 17.43 1.84 -14.74
C VAL B 243 16.94 3.23 -15.16
N PHE B 244 16.75 4.12 -14.18
CA PHE B 244 16.26 5.46 -14.49
C PHE B 244 17.28 6.31 -15.26
N ARG B 245 18.54 6.24 -14.85
CA ARG B 245 19.61 7.01 -15.51
C ARG B 245 19.71 6.64 -16.99
N LEU B 246 19.19 5.46 -17.33
CA LEU B 246 19.26 4.92 -18.69
C LEU B 246 17.88 4.82 -19.34
N LYS B 247 16.91 5.51 -18.75
CA LYS B 247 15.55 5.58 -19.30
C LYS B 247 15.53 6.44 -20.55
N LYS B 248 16.51 7.32 -20.67
CA LYS B 248 16.66 8.18 -21.84
C LYS B 248 17.12 7.38 -23.07
N TRP B 249 17.98 6.39 -22.85
CA TRP B 249 18.44 5.50 -23.91
C TRP B 249 17.35 4.52 -24.34
N ILE B 250 16.60 4.00 -23.35
CA ILE B 250 15.51 3.06 -23.58
C ILE B 250 14.36 3.71 -24.35
N GLN B 251 14.02 4.95 -23.96
CA GLN B 251 12.98 5.71 -24.63
C GLN B 251 13.33 5.92 -26.10
N LYS B 252 14.63 6.13 -26.37
CA LYS B 252 15.12 6.32 -27.73
C LYS B 252 14.94 5.06 -28.57
N VAL B 253 15.36 3.91 -28.04
CA VAL B 253 15.33 2.64 -28.78
C VAL B 253 13.92 2.17 -29.11
N ILE B 254 13.05 2.13 -28.11
CA ILE B 254 11.65 1.71 -28.28
C ILE B 254 10.90 2.59 -29.29
N ASP B 255 11.10 3.90 -29.20
CA ASP B 255 10.43 4.86 -30.08
C ASP B 255 11.02 4.91 -31.49
N GLN B 256 12.22 4.38 -31.67
CA GLN B 256 12.88 4.35 -32.98
C GLN B 256 12.91 2.93 -33.57
N PHE B 257 12.47 1.96 -32.78
CA PHE B 257 12.51 0.53 -33.14
C PHE B 257 13.89 0.09 -33.64
N GLU C 1 -12.80 -11.11 8.16
CA GLU C 1 -12.69 -9.82 7.41
C GLU C 1 -13.75 -9.67 6.32
N ALA C 2 -13.92 -10.72 5.53
CA ALA C 2 -14.68 -10.67 4.27
C ALA C 2 -14.04 -9.69 3.29
N ASP C 3 -14.86 -9.05 2.45
CA ASP C 3 -14.35 -8.05 1.50
C ASP C 3 -14.61 -6.64 2.02
N CYS C 4 -13.88 -6.27 3.07
CA CYS C 4 -14.06 -4.98 3.74
C CYS C 4 -13.02 -3.94 3.31
N GLY C 5 -13.31 -2.68 3.59
CA GLY C 5 -12.38 -1.57 3.35
C GLY C 5 -12.05 -1.28 1.90
N LEU C 6 -12.58 -2.09 0.99
CA LEU C 6 -12.38 -1.90 -0.43
C LEU C 6 -13.57 -1.14 -1.03
N ARG C 7 -13.29 0.04 -1.58
CA ARG C 7 -14.34 0.91 -2.11
C ARG C 7 -14.64 0.57 -3.55
N PRO C 8 -15.92 0.32 -3.87
CA PRO C 8 -16.36 -0.06 -5.22
C PRO C 8 -16.12 0.99 -6.31
N LEU C 9 -15.94 2.26 -5.92
CA LEU C 9 -15.74 3.34 -6.89
C LEU C 9 -14.30 3.85 -6.95
N PHE C 10 -13.43 3.30 -6.10
CA PHE C 10 -12.04 3.72 -6.06
C PHE C 10 -11.09 2.54 -6.21
N GLU C 11 -10.87 1.80 -5.13
CA GLU C 11 -9.94 0.66 -5.13
C GLU C 11 -10.34 -0.50 -6.04
N LYS C 12 -11.65 -0.69 -6.23
CA LYS C 12 -12.17 -1.71 -7.16
C LYS C 12 -12.09 -1.25 -8.62
N LYS C 13 -11.47 -0.09 -8.84
CA LYS C 13 -11.27 0.46 -10.17
C LYS C 13 -9.84 0.99 -10.34
N SER C 14 -9.04 0.87 -9.28
CA SER C 14 -7.66 1.37 -9.22
C SER C 14 -7.55 2.91 -9.17
N LEU C 15 -8.69 3.58 -9.01
CA LEU C 15 -8.71 5.03 -8.84
C LEU C 15 -8.45 5.43 -7.39
N GLU C 16 -7.91 6.63 -7.22
CA GLU C 16 -7.58 7.18 -5.90
C GLU C 16 -8.32 8.50 -5.70
N ASP C 17 -8.69 8.79 -4.45
CA ASP C 17 -9.40 10.05 -4.17
C ASP C 17 -8.46 11.26 -4.19
N LYS C 18 -9.02 12.43 -3.88
CA LYS C 18 -8.28 13.70 -3.94
C LYS C 18 -7.16 13.81 -2.91
N THR C 19 -7.36 13.20 -1.75
CA THR C 19 -6.51 13.48 -0.59
C THR C 19 -5.91 12.26 0.13
N GLU C 20 -6.01 11.08 -0.45
CA GLU C 20 -5.52 9.87 0.21
C GLU C 20 -4.00 9.69 0.12
N ARG C 21 -3.37 10.39 -0.81
CA ARG C 21 -1.91 10.44 -0.88
C ARG C 21 -1.35 11.22 0.32
N GLU C 22 -2.08 12.25 0.74
CA GLU C 22 -1.73 13.04 1.93
C GLU C 22 -1.69 12.16 3.18
N LEU C 23 -2.61 11.20 3.24
CA LEU C 23 -2.64 10.21 4.32
C LEU C 23 -1.50 9.22 4.18
N LEU C 24 -1.26 8.74 2.96
CA LEU C 24 -0.24 7.74 2.68
C LEU C 24 1.19 8.29 2.81
N GLU C 25 1.35 9.60 2.56
CA GLU C 25 2.66 10.25 2.70
C GLU C 25 3.04 10.48 4.17
N SER C 26 2.04 10.44 5.05
CA SER C 26 2.24 10.64 6.48
C SER C 26 2.88 9.41 7.13
N TYR C 27 2.85 8.28 6.43
CA TYR C 27 3.47 7.05 6.90
C TYR C 27 4.99 7.08 6.69
N ILE C 28 5.42 7.85 5.70
CA ILE C 28 6.85 8.10 5.48
C ILE C 28 7.37 9.07 6.54
N ASP C 29 6.70 10.23 6.64
CA ASP C 29 7.02 11.21 7.67
C ASP C 29 6.24 10.91 8.94
N GLY C 30 6.68 9.87 9.65
CA GLY C 30 6.06 9.45 10.89
C GLY C 30 6.79 8.25 11.49
N ILE D 1 -17.76 19.15 10.91
CA ILE D 1 -16.31 19.14 10.58
C ILE D 1 -15.80 20.55 10.28
N VAL D 2 -14.75 20.94 10.98
CA VAL D 2 -14.19 22.28 10.85
C VAL D 2 -12.98 22.24 9.92
N GLU D 3 -12.97 23.13 8.93
CA GLU D 3 -11.84 23.31 8.01
C GLU D 3 -11.56 22.09 7.11
N GLY D 4 -12.57 21.26 6.91
CA GLY D 4 -12.49 20.16 5.95
C GLY D 4 -12.96 20.58 4.56
N SER D 5 -13.49 19.62 3.80
CA SER D 5 -13.96 19.86 2.44
C SER D 5 -15.07 18.88 2.05
N ASP D 6 -15.71 19.13 0.91
CA ASP D 6 -16.71 18.21 0.36
C ASP D 6 -16.14 16.82 0.09
N ALA D 7 -16.95 15.80 0.33
CA ALA D 7 -16.58 14.43 0.02
C ALA D 7 -16.84 14.14 -1.46
N GLU D 8 -16.05 13.22 -2.03
CA GLU D 8 -16.33 12.72 -3.37
C GLU D 8 -17.43 11.65 -3.30
N ILE D 9 -17.93 11.23 -4.45
CA ILE D 9 -18.94 10.20 -4.51
C ILE D 9 -18.30 8.83 -4.23
N GLY D 10 -18.84 8.13 -3.24
CA GLY D 10 -18.32 6.82 -2.84
C GLY D 10 -17.06 6.85 -1.99
N MET D 11 -16.66 8.05 -1.57
CA MET D 11 -15.43 8.22 -0.80
C MET D 11 -15.52 7.58 0.59
N SER D 12 -16.74 7.47 1.11
CA SER D 12 -16.97 6.86 2.42
C SER D 12 -18.24 6.01 2.40
N PRO D 13 -18.18 4.82 1.75
CA PRO D 13 -19.37 3.98 1.60
C PRO D 13 -19.77 3.25 2.90
N TRP D 14 -19.04 3.52 3.98
CA TRP D 14 -19.34 2.96 5.29
C TRP D 14 -19.99 4.01 6.20
N GLN D 15 -20.27 5.19 5.63
CA GLN D 15 -20.85 6.29 6.39
C GLN D 15 -22.33 6.09 6.65
N VAL D 16 -22.77 6.36 7.88
CA VAL D 16 -24.16 6.18 8.28
C VAL D 16 -24.68 7.38 9.09
N MET D 17 -25.87 7.87 8.70
CA MET D 17 -26.58 8.89 9.45
C MET D 17 -27.42 8.27 10.56
N LEU D 18 -27.22 8.72 11.80
CA LEU D 18 -28.15 8.38 12.88
C LEU D 18 -29.20 9.48 12.94
N PHE D 19 -30.40 9.13 12.49
CA PHE D 19 -31.46 10.11 12.25
C PHE D 19 -32.62 9.91 13.22
N ARG D 20 -33.09 11.02 13.79
CA ARG D 20 -34.26 10.99 14.66
C ARG D 20 -35.52 10.91 13.80
N LYS D 21 -36.46 10.05 14.20
CA LYS D 21 -37.70 9.84 13.46
C LYS D 21 -38.61 11.05 13.48
N SER D 22 -38.77 11.65 14.67
CA SER D 22 -39.63 12.81 14.87
C SER D 22 -39.17 13.64 16.07
N PRO D 23 -38.84 14.93 15.84
CA PRO D 23 -38.76 15.57 14.52
C PRO D 23 -37.56 15.10 13.71
N GLN D 24 -37.60 15.32 12.39
CA GLN D 24 -36.55 14.89 11.46
C GLN D 24 -35.24 15.63 11.74
N GLU D 25 -34.33 14.97 12.44
CA GLU D 25 -33.12 15.61 12.94
C GLU D 25 -31.90 14.68 12.90
N LEU D 26 -30.78 15.22 12.42
CA LEU D 26 -29.50 14.51 12.43
C LEU D 26 -28.93 14.49 13.84
N LEU D 27 -28.77 13.30 14.40
CA LEU D 27 -28.26 13.13 15.76
C LEU D 27 -26.75 12.93 15.81
N CYS D 28 -26.27 11.91 15.09
CA CYS D 28 -24.87 11.52 15.13
C CYS D 28 -24.40 10.82 13.87
N GLY D 29 -23.09 10.75 13.70
CA GLY D 29 -22.49 9.90 12.69
C GLY D 29 -22.46 8.47 13.15
N ALA D 30 -22.15 7.55 12.24
CA ALA D 30 -22.10 6.12 12.55
C ALA D 30 -21.41 5.39 11.40
N SER D 31 -20.96 4.17 11.65
CA SER D 31 -20.22 3.41 10.64
C SER D 31 -20.72 1.98 10.48
N LEU D 32 -20.70 1.50 9.24
CA LEU D 32 -21.11 0.14 8.94
C LEU D 32 -19.91 -0.79 8.96
N ILE D 33 -19.99 -1.83 9.79
CA ILE D 33 -18.90 -2.81 9.91
C ILE D 33 -19.32 -4.20 9.41
N SER D 34 -20.56 -4.30 8.97
CA SER D 34 -21.15 -5.57 8.54
C SER D 34 -22.23 -5.29 7.49
N ASP D 35 -23.27 -6.13 7.48
CA ASP D 35 -24.54 -5.78 6.84
C ASP D 35 -25.65 -5.76 7.89
N ARG D 36 -25.32 -6.27 9.07
CA ARG D 36 -26.28 -6.40 10.18
C ARG D 36 -25.93 -5.52 11.39
N TRP D 37 -24.73 -4.93 11.37
CA TRP D 37 -24.22 -4.22 12.53
C TRP D 37 -23.66 -2.83 12.22
N VAL D 38 -24.01 -1.87 13.07
CA VAL D 38 -23.60 -0.46 12.92
C VAL D 38 -22.85 0.01 14.17
N LEU D 39 -21.69 0.62 13.95
CA LEU D 39 -20.83 1.09 15.04
C LEU D 39 -20.96 2.61 15.25
N THR D 40 -21.24 3.01 16.49
CA THR D 40 -21.41 4.42 16.84
C THR D 40 -20.94 4.72 18.27
N ALA D 41 -21.16 5.94 18.74
CA ALA D 41 -20.77 6.38 20.07
C ALA D 41 -21.91 6.24 21.08
N ALA D 42 -21.55 5.81 22.29
CA ALA D 42 -22.53 5.57 23.36
C ALA D 42 -23.29 6.81 23.83
N HIS D 43 -22.69 7.99 23.68
CA HIS D 43 -23.31 9.24 24.12
C HIS D 43 -24.36 9.77 23.14
N CYS D 44 -24.42 9.15 21.96
CA CYS D 44 -25.42 9.52 20.96
C CYS D 44 -26.78 8.91 21.28
N LEU D 45 -26.78 7.90 22.15
CA LEU D 45 -28.00 7.20 22.54
C LEU D 45 -28.29 7.39 24.03
N LEU D 46 -27.25 7.39 24.84
CA LEU D 46 -27.39 7.54 26.28
C LEU D 46 -26.41 8.59 26.84
N TYR D 47 -26.97 9.74 27.23
CA TYR D 47 -26.23 10.80 27.92
C TYR D 47 -27.14 11.46 28.96
N PRO D 48 -27.04 10.99 30.23
CA PRO D 48 -27.85 11.47 31.35
C PRO D 48 -27.89 12.99 31.61
N PRO D 49 -26.75 13.70 31.53
CA PRO D 49 -26.80 15.15 31.83
C PRO D 49 -27.73 15.97 30.94
N TRP D 50 -27.92 15.55 29.69
CA TRP D 50 -28.84 16.22 28.78
C TRP D 50 -30.22 15.56 28.75
N ASP D 51 -30.45 14.63 29.68
CA ASP D 51 -31.69 13.86 29.75
C ASP D 51 -32.01 13.20 28.41
N LYS D 52 -31.16 12.25 28.03
CA LYS D 52 -31.27 11.61 26.73
C LYS D 52 -31.12 10.10 26.81
N ASN D 53 -32.22 9.40 26.53
CA ASN D 53 -32.25 7.95 26.50
C ASN D 53 -33.05 7.45 25.30
N PHE D 54 -32.36 6.82 24.36
CA PHE D 54 -32.99 6.41 23.09
C PHE D 54 -33.30 4.92 23.01
N THR D 55 -34.42 4.61 22.35
CA THR D 55 -34.85 3.23 22.10
C THR D 55 -34.61 2.83 20.65
N GLU D 56 -34.97 1.60 20.30
CA GLU D 56 -34.79 1.08 18.95
C GLU D 56 -35.87 1.59 17.98
N ASN D 57 -37.06 1.82 18.51
CA ASN D 57 -38.16 2.37 17.71
C ASN D 57 -38.08 3.89 17.59
N ASP D 58 -37.21 4.49 18.40
CA ASP D 58 -36.94 5.93 18.34
C ASP D 58 -36.16 6.33 17.09
N LEU D 59 -35.15 5.52 16.75
CA LEU D 59 -34.13 5.90 15.77
C LEU D 59 -34.31 5.26 14.40
N LEU D 60 -33.52 5.76 13.44
CA LEU D 60 -33.59 5.33 12.04
C LEU D 60 -32.26 5.65 11.37
N VAL D 61 -31.57 4.61 10.87
CA VAL D 61 -30.26 4.79 10.23
C VAL D 61 -30.31 4.93 8.71
N ARG D 62 -29.63 5.96 8.20
CA ARG D 62 -29.57 6.24 6.77
C ARG D 62 -28.18 5.89 6.23
N ILE D 63 -28.12 4.99 5.26
CA ILE D 63 -26.85 4.51 4.73
C ILE D 63 -26.65 4.86 3.25
N GLY D 64 -25.42 5.25 2.90
CA GLY D 64 -25.05 5.57 1.53
C GLY D 64 -25.42 6.98 1.13
N LYS D 65 -25.34 7.89 2.10
CA LYS D 65 -25.73 9.28 1.88
C LYS D 65 -24.55 10.18 1.52
N HIS D 66 -24.82 11.14 0.64
CA HIS D 66 -23.83 12.15 0.25
C HIS D 66 -24.30 13.52 0.71
N SER D 67 -25.37 14.01 0.08
CA SER D 67 -25.93 15.31 0.44
C SER D 67 -26.64 15.23 1.80
N ARG D 68 -26.49 16.27 2.60
CA ARG D 68 -27.28 16.44 3.80
C ARG D 68 -28.71 16.79 3.38
N THR D 69 -29.68 16.35 4.18
CA THR D 69 -31.12 16.64 3.95
C THR D 69 -31.76 15.99 2.71
N ARG D 70 -31.07 16.05 1.57
CA ARG D 70 -31.59 15.51 0.31
C ARG D 70 -31.85 14.01 0.40
N TYR D 71 -33.11 13.61 0.28
CA TYR D 71 -33.47 12.21 0.20
C TYR D 71 -33.13 11.68 -1.20
N GLU D 72 -32.14 10.81 -1.27
CA GLU D 72 -31.61 10.31 -2.55
C GLU D 72 -32.60 9.41 -3.30
N ARG D 73 -32.72 9.64 -4.60
CA ARG D 73 -33.57 8.84 -5.47
C ARG D 73 -32.96 7.46 -5.72
N ASN D 74 -33.37 6.49 -4.90
CA ASN D 74 -32.90 5.10 -4.96
C ASN D 74 -31.37 4.92 -4.89
N ILE D 75 -30.74 5.67 -3.99
CA ILE D 75 -29.31 5.55 -3.73
C ILE D 75 -29.09 5.20 -2.25
N GLU D 76 -29.61 6.03 -1.36
CA GLU D 76 -29.49 5.80 0.08
C GLU D 76 -30.45 4.70 0.55
N LYS D 77 -30.11 4.07 1.66
CA LYS D 77 -30.91 2.99 2.21
C LYS D 77 -31.24 3.25 3.67
N ILE D 78 -32.46 2.89 4.07
CA ILE D 78 -32.98 3.15 5.41
C ILE D 78 -33.21 1.84 6.16
N SER D 79 -32.64 1.74 7.36
CA SER D 79 -32.70 0.51 8.16
C SER D 79 -33.35 0.71 9.52
N MET D 80 -34.21 -0.24 9.90
CA MET D 80 -34.85 -0.25 11.21
C MET D 80 -33.95 -0.96 12.20
N LEU D 81 -33.96 -0.52 13.46
CA LEU D 81 -33.09 -1.10 14.47
C LEU D 81 -33.72 -2.28 15.20
N GLU D 82 -32.94 -3.35 15.32
CA GLU D 82 -33.33 -4.52 16.10
C GLU D 82 -33.05 -4.23 17.58
N LYS D 83 -31.76 -4.05 17.89
CA LYS D 83 -31.31 -3.88 19.26
C LYS D 83 -30.16 -2.87 19.36
N ILE D 84 -30.01 -2.30 20.54
CA ILE D 84 -28.90 -1.38 20.84
C ILE D 84 -28.03 -1.99 21.95
N TYR D 85 -26.73 -2.00 21.73
CA TYR D 85 -25.77 -2.52 22.71
C TYR D 85 -24.78 -1.43 23.11
N ILE D 86 -24.91 -0.97 24.36
CA ILE D 86 -24.02 0.04 24.93
C ILE D 86 -23.04 -0.63 25.90
N HIS D 87 -21.76 -0.31 25.77
CA HIS D 87 -20.71 -0.88 26.62
C HIS D 87 -21.06 -0.72 28.09
N PRO D 88 -20.96 -1.81 28.88
CA PRO D 88 -21.27 -1.77 30.30
C PRO D 88 -20.38 -0.79 31.07
N ARG D 89 -19.07 -0.81 30.79
CA ARG D 89 -18.10 0.06 31.46
C ARG D 89 -17.95 1.40 30.75
N TYR D 90 -19.08 2.08 30.55
CA TYR D 90 -19.14 3.39 29.92
C TYR D 90 -19.26 4.47 30.98
N ASN D 91 -18.27 5.36 31.02
CA ASN D 91 -18.17 6.36 32.08
C ASN D 91 -18.57 7.75 31.61
N TRP D 92 -19.87 8.00 31.54
CA TRP D 92 -20.43 9.30 31.14
C TRP D 92 -20.16 10.40 32.15
N ARG D 93 -19.94 10.02 33.41
CA ARG D 93 -19.81 10.97 34.52
C ARG D 93 -18.62 11.92 34.43
N GLU D 94 -17.55 11.51 33.75
CA GLU D 94 -16.31 12.30 33.75
C GLU D 94 -15.73 12.57 32.36
N ASN D 95 -15.48 11.51 31.61
CA ASN D 95 -14.72 11.61 30.36
C ASN D 95 -15.34 10.89 29.16
N LEU D 96 -16.37 10.09 29.41
CA LEU D 96 -16.98 9.22 28.39
C LEU D 96 -16.02 8.08 28.04
N ASP D 97 -15.57 7.37 29.07
CA ASP D 97 -14.65 6.26 28.90
C ASP D 97 -15.36 5.08 28.24
N ARG D 98 -14.69 4.46 27.28
CA ARG D 98 -15.28 3.41 26.46
C ARG D 98 -16.60 3.91 25.85
N ASP D 99 -16.49 4.98 25.07
CA ASP D 99 -17.63 5.59 24.40
C ASP D 99 -17.90 4.82 23.11
N ILE D 100 -18.55 3.67 23.26
CA ILE D 100 -18.76 2.74 22.15
C ILE D 100 -20.11 2.05 22.24
N ALA D 101 -20.78 1.95 21.10
CA ALA D 101 -22.08 1.32 21.02
C ALA D 101 -22.20 0.54 19.72
N LEU D 102 -22.94 -0.56 19.76
CA LEU D 102 -23.23 -1.35 18.58
C LEU D 102 -24.72 -1.44 18.37
N MET D 103 -25.14 -1.41 17.10
CA MET D 103 -26.56 -1.44 16.77
C MET D 103 -26.84 -2.49 15.69
N LYS D 104 -27.74 -3.41 16.02
CA LYS D 104 -28.17 -4.45 15.10
C LYS D 104 -29.36 -3.96 14.28
N LEU D 105 -29.40 -4.38 13.02
CA LEU D 105 -30.44 -3.94 12.08
C LEU D 105 -31.50 -5.01 11.86
N LYS D 106 -32.78 -4.59 11.89
CA LYS D 106 -33.92 -5.47 11.66
C LYS D 106 -33.73 -6.38 10.45
N LYS D 107 -33.33 -5.77 9.33
CA LYS D 107 -33.11 -6.48 8.07
C LYS D 107 -31.74 -6.12 7.52
N PRO D 108 -31.06 -7.09 6.87
CA PRO D 108 -29.74 -6.81 6.29
C PRO D 108 -29.81 -5.87 5.10
N VAL D 109 -28.96 -4.85 5.10
CA VAL D 109 -28.91 -3.86 4.02
C VAL D 109 -28.00 -4.33 2.88
N ALA D 110 -28.50 -4.22 1.65
CA ALA D 110 -27.75 -4.61 0.45
C ALA D 110 -26.61 -3.65 0.14
N PHE D 111 -25.47 -4.20 -0.26
CA PHE D 111 -24.30 -3.40 -0.63
C PHE D 111 -24.39 -2.89 -2.06
N SER D 112 -23.74 -1.76 -2.32
CA SER D 112 -23.63 -1.19 -3.66
C SER D 112 -22.39 -0.31 -3.76
N ASP D 113 -22.34 0.53 -4.78
CA ASP D 113 -21.21 1.45 -4.99
C ASP D 113 -21.17 2.56 -3.94
N TYR D 114 -22.31 2.80 -3.30
CA TYR D 114 -22.44 3.84 -2.28
C TYR D 114 -22.49 3.25 -0.86
N ILE D 115 -22.57 1.92 -0.77
CA ILE D 115 -22.68 1.22 0.51
C ILE D 115 -21.70 0.02 0.58
N HIS D 116 -20.66 0.18 1.39
CA HIS D 116 -19.65 -0.86 1.60
C HIS D 116 -19.03 -0.76 2.99
N PRO D 117 -18.94 -1.89 3.72
CA PRO D 117 -18.43 -1.87 5.09
C PRO D 117 -16.93 -1.62 5.17
N VAL D 118 -16.49 -1.12 6.32
CA VAL D 118 -15.08 -0.86 6.58
C VAL D 118 -14.50 -1.99 7.42
N CYS D 119 -13.22 -2.29 7.21
CA CYS D 119 -12.52 -3.30 7.99
C CYS D 119 -12.33 -2.84 9.43
N LEU D 120 -12.36 -3.81 10.35
CA LEU D 120 -11.98 -3.58 11.75
C LEU D 120 -10.56 -4.07 11.95
N PRO D 121 -9.74 -3.31 12.71
CA PRO D 121 -8.30 -3.59 12.80
C PRO D 121 -7.94 -4.84 13.62
N ASP D 122 -6.97 -5.59 13.12
CA ASP D 122 -6.34 -6.68 13.88
C ASP D 122 -5.07 -6.15 14.56
N ARG D 123 -4.36 -7.04 15.25
CA ARG D 123 -3.17 -6.67 16.04
C ARG D 123 -2.04 -6.09 15.19
N GLU D 124 -1.65 -6.83 14.14
CA GLU D 124 -0.53 -6.44 13.27
C GLU D 124 -0.79 -5.11 12.55
N THR D 125 -2.04 -4.88 12.17
CA THR D 125 -2.42 -3.63 11.52
C THR D 125 -2.37 -2.45 12.50
N ALA D 126 -2.98 -2.62 13.67
CA ALA D 126 -3.05 -1.57 14.68
C ALA D 126 -1.66 -1.11 15.15
N ALA D 127 -0.80 -2.07 15.50
CA ALA D 127 0.56 -1.77 15.93
C ALA D 127 1.34 -0.97 14.87
N SER D 128 1.21 -1.38 13.61
CA SER D 128 1.87 -0.69 12.50
C SER D 128 1.26 0.68 12.19
N LEU D 129 -0.07 0.77 12.17
CA LEU D 129 -0.75 2.03 11.76
C LEU D 129 -0.90 3.07 12.88
N LEU D 130 -0.98 2.60 14.13
CA LEU D 130 -1.22 3.47 15.27
C LEU D 130 0.06 4.18 15.71
N GLN D 131 0.30 5.36 15.14
CA GLN D 131 1.54 6.10 15.36
C GLN D 131 1.30 7.61 15.41
N ALA D 132 2.13 8.30 16.21
CA ALA D 132 2.15 9.76 16.26
C ALA D 132 2.64 10.35 14.95
N GLY D 133 1.87 11.30 14.41
CA GLY D 133 2.17 11.88 13.10
C GLY D 133 1.40 11.23 11.96
N TYR D 134 0.91 10.01 12.20
CA TYR D 134 0.13 9.28 11.21
C TYR D 134 -1.28 9.84 11.13
N LYS D 135 -1.71 10.15 9.91
CA LYS D 135 -2.99 10.82 9.68
C LYS D 135 -4.14 9.85 9.52
N GLY D 136 -5.33 10.34 9.86
CA GLY D 136 -6.57 9.58 9.72
C GLY D 136 -7.71 10.46 9.25
N ARG D 137 -8.70 9.83 8.63
CA ARG D 137 -9.82 10.54 8.01
C ARG D 137 -11.09 10.47 8.85
N VAL D 138 -11.64 11.64 9.15
CA VAL D 138 -12.91 11.79 9.87
C VAL D 138 -13.93 12.35 8.89
N THR D 139 -15.16 11.82 8.91
CA THR D 139 -16.20 12.21 7.96
C THR D 139 -17.59 12.34 8.59
N GLY D 140 -18.25 13.47 8.38
CA GLY D 140 -19.57 13.70 8.94
C GLY D 140 -20.33 14.88 8.34
N TRP D 141 -21.58 15.01 8.75
CA TRP D 141 -22.42 16.16 8.36
C TRP D 141 -22.57 17.18 9.51
N GLY D 142 -21.51 17.30 10.31
CA GLY D 142 -21.51 18.20 11.47
C GLY D 142 -21.42 19.67 11.12
N ASN D 143 -21.74 20.52 12.09
CA ASN D 143 -21.70 21.98 11.91
C ASN D 143 -20.27 22.45 11.63
N LEU D 144 -20.11 23.30 10.62
CA LEU D 144 -18.79 23.69 10.13
C LEU D 144 -17.98 24.57 11.08
N LYS D 145 -18.67 25.30 11.96
CA LYS D 145 -17.99 26.13 12.97
C LYS D 145 -18.42 25.76 14.39
N GLU D 146 -17.65 26.24 15.36
CA GLU D 146 -17.98 26.03 16.76
C GLU D 146 -19.27 26.77 17.12
N THR D 147 -20.35 26.00 17.23
CA THR D 147 -21.64 26.52 17.66
C THR D 147 -21.58 26.82 19.16
N TRP D 148 -22.52 27.64 19.64
CA TRP D 148 -22.55 28.16 21.01
C TRP D 148 -21.67 29.41 21.20
N THR D 149 -20.57 29.48 20.46
CA THR D 149 -19.70 30.67 20.44
C THR D 149 -18.93 30.72 19.12
N ALA D 150 -19.53 31.40 18.14
CA ALA D 150 -19.12 31.30 16.73
C ALA D 150 -18.12 32.34 16.24
N ASN D 151 -17.47 32.01 15.12
CA ASN D 151 -16.51 32.86 14.45
C ASN D 151 -17.12 33.47 13.18
N VAL D 152 -18.05 32.73 12.57
CA VAL D 152 -18.73 33.10 11.32
C VAL D 152 -17.89 32.89 10.05
N GLY D 153 -18.34 31.94 9.23
CA GLY D 153 -17.86 31.71 7.88
C GLY D 153 -19.03 31.12 7.11
N LYS D 154 -19.35 29.86 7.42
CA LYS D 154 -20.62 29.23 7.07
C LYS D 154 -20.82 28.07 8.03
N GLY D 155 -22.01 27.98 8.64
CA GLY D 155 -22.24 27.09 9.78
C GLY D 155 -22.81 25.70 9.53
N GLN D 156 -23.09 25.35 8.28
CA GLN D 156 -23.74 24.09 7.94
C GLN D 156 -23.41 23.65 6.51
N PRO D 157 -22.97 22.39 6.33
CA PRO D 157 -22.66 21.85 5.00
C PRO D 157 -23.85 21.16 4.31
N SER D 158 -24.03 21.42 3.01
CA SER D 158 -25.10 20.76 2.26
C SER D 158 -24.66 19.37 1.79
N VAL D 159 -23.34 19.15 1.77
CA VAL D 159 -22.76 17.88 1.38
C VAL D 159 -21.81 17.35 2.47
N LEU D 160 -21.62 16.03 2.49
CA LEU D 160 -20.73 15.35 3.44
C LEU D 160 -19.33 15.93 3.45
N GLN D 161 -18.78 16.09 4.65
CA GLN D 161 -17.44 16.67 4.82
C GLN D 161 -16.38 15.61 5.06
N VAL D 162 -15.11 16.04 5.02
CA VAL D 162 -13.96 15.14 5.15
C VAL D 162 -12.70 15.91 5.56
N VAL D 163 -12.03 15.45 6.61
CA VAL D 163 -10.76 16.05 7.03
C VAL D 163 -9.71 15.01 7.47
N ASN D 164 -8.47 15.25 7.03
CA ASN D 164 -7.34 14.38 7.37
C ASN D 164 -6.55 14.98 8.53
N LEU D 165 -6.53 14.24 9.65
CA LEU D 165 -5.89 14.73 10.87
C LEU D 165 -4.85 13.74 11.39
N PRO D 166 -3.68 14.24 11.83
CA PRO D 166 -2.69 13.36 12.42
C PRO D 166 -3.04 12.97 13.85
N ILE D 167 -2.76 11.73 14.22
CA ILE D 167 -2.89 11.28 15.61
C ILE D 167 -1.76 11.92 16.41
N VAL D 168 -2.05 12.23 17.67
CA VAL D 168 -1.13 12.96 18.53
C VAL D 168 -0.65 12.07 19.68
N GLU D 169 0.63 12.20 20.03
CA GLU D 169 1.26 11.42 21.10
C GLU D 169 0.51 11.57 22.42
N ARG D 170 0.48 10.49 23.21
CA ARG D 170 -0.30 10.45 24.46
C ARG D 170 0.02 11.57 25.47
N PRO D 171 1.30 11.96 25.61
CA PRO D 171 1.61 13.07 26.52
C PRO D 171 0.96 14.40 26.14
N VAL D 172 0.84 14.66 24.84
CA VAL D 172 0.32 15.93 24.36
C VAL D 172 -1.21 15.95 24.40
N CYS D 173 -1.81 14.76 24.34
CA CYS D 173 -3.25 14.60 24.61
C CYS D 173 -3.55 14.91 26.07
N LYS D 174 -2.64 14.48 26.95
CA LYS D 174 -2.76 14.62 28.39
C LYS D 174 -2.75 16.09 28.83
N ASP D 175 -1.70 16.82 28.45
CA ASP D 175 -1.49 18.20 28.88
C ASP D 175 -2.39 19.22 28.17
N SER D 176 -3.15 18.75 27.18
CA SER D 176 -4.05 19.63 26.44
C SER D 176 -5.38 19.85 27.15
N THR D 177 -5.75 18.91 28.03
CA THR D 177 -7.05 18.94 28.69
C THR D 177 -6.97 18.96 30.22
N ARG D 178 -7.97 19.58 30.83
CA ARG D 178 -8.13 19.56 32.29
C ARG D 178 -9.15 18.49 32.70
N ILE D 179 -9.16 17.39 31.93
CA ILE D 179 -10.05 16.24 32.17
C ILE D 179 -9.23 14.96 32.05
N ARG D 180 -9.52 13.99 32.92
CA ARG D 180 -8.77 12.74 32.97
C ARG D 180 -8.96 11.89 31.72
N ILE D 181 -7.88 11.74 30.94
CA ILE D 181 -7.85 10.88 29.77
C ILE D 181 -7.53 9.43 30.17
N THR D 182 -7.89 8.48 29.30
CA THR D 182 -7.57 7.07 29.53
C THR D 182 -6.94 6.45 28.28
N ASP D 183 -6.67 5.15 28.33
CA ASP D 183 -6.08 4.41 27.22
C ASP D 183 -7.11 3.99 26.17
N ASN D 184 -8.39 4.08 26.54
CA ASN D 184 -9.51 3.78 25.63
C ASN D 184 -9.79 4.92 24.65
N MET D 185 -8.95 5.96 24.72
CA MET D 185 -9.08 7.13 23.87
C MET D 185 -7.76 7.40 23.17
N PHE D 186 -7.83 8.01 21.99
CA PHE D 186 -6.68 8.64 21.35
C PHE D 186 -7.11 9.96 20.74
N CYS D 187 -6.19 10.92 20.70
CA CYS D 187 -6.54 12.26 20.25
C CYS D 187 -5.89 12.59 18.89
N ALA D 188 -6.51 13.51 18.15
CA ALA D 188 -6.02 13.87 16.81
C ALA D 188 -6.20 15.34 16.47
N GLY D 189 -5.49 15.79 15.43
CA GLY D 189 -5.55 17.18 14.97
C GLY D 189 -4.17 17.82 14.91
N TYR D 190 -4.13 19.02 14.33
CA TYR D 190 -2.87 19.73 14.13
C TYR D 190 -2.49 20.63 15.30
N LYS D 191 -1.23 20.53 15.72
CA LYS D 191 -0.68 21.37 16.80
C LYS D 191 -0.64 22.82 16.34
N PRO D 192 -0.68 23.78 17.30
CA PRO D 192 -0.81 25.19 16.91
C PRO D 192 0.35 25.70 16.03
N ASP D 193 0.04 26.70 15.20
CA ASP D 193 1.00 27.34 14.30
C ASP D 193 1.41 26.52 13.06
N GLU D 194 1.05 25.24 13.04
CA GLU D 194 1.42 24.32 11.94
C GLU D 194 0.78 24.66 10.59
N GLY D 195 0.06 25.78 10.54
CA GLY D 195 -0.54 26.28 9.29
C GLY D 195 -1.58 25.35 8.69
N LYS D 196 -2.08 24.44 9.51
CA LYS D 196 -3.16 23.54 9.13
C LYS D 196 -4.13 23.45 10.29
N ARG D 197 -5.41 23.31 9.97
CA ARG D 197 -6.46 23.20 10.98
C ARG D 197 -7.35 22.00 10.67
N GLY D 198 -8.34 21.78 11.52
CA GLY D 198 -9.26 20.67 11.35
C GLY D 198 -9.67 20.04 12.65
N ASP D 199 -10.93 19.64 12.73
CA ASP D 199 -11.50 19.02 13.92
C ASP D 199 -12.90 18.56 13.58
N ALA D 200 -13.41 17.60 14.36
CA ALA D 200 -14.82 17.24 14.32
C ALA D 200 -15.60 18.29 15.12
N CYS D 201 -16.90 18.38 14.87
CA CYS D 201 -17.76 19.34 15.57
C CYS D 201 -19.12 18.70 15.82
N GLU D 202 -20.05 19.45 16.40
CA GLU D 202 -21.39 18.91 16.73
C GLU D 202 -22.03 18.27 15.52
N GLY D 203 -22.49 17.04 15.68
CA GLY D 203 -23.06 16.25 14.60
C GLY D 203 -22.08 15.23 14.00
N ASP D 204 -20.83 15.31 14.42
CA ASP D 204 -19.81 14.38 13.94
C ASP D 204 -19.61 13.20 14.89
N ALA D 205 -20.08 13.37 16.12
CA ALA D 205 -19.99 12.34 17.15
C ALA D 205 -20.50 11.01 16.62
N GLY D 206 -19.78 9.93 16.93
CA GLY D 206 -20.15 8.60 16.45
C GLY D 206 -19.59 8.23 15.08
N GLY D 207 -19.08 9.22 14.35
CA GLY D 207 -18.53 9.00 13.02
C GLY D 207 -17.22 8.23 13.04
N PRO D 208 -16.80 7.72 11.86
CA PRO D 208 -15.61 6.89 11.79
C PRO D 208 -14.30 7.68 11.62
N PHE D 209 -13.25 7.24 12.32
CA PHE D 209 -11.90 7.73 12.12
C PHE D 209 -11.13 6.61 11.43
N VAL D 210 -10.98 6.75 10.12
CA VAL D 210 -10.42 5.68 9.30
C VAL D 210 -8.97 5.94 8.91
N MET D 211 -8.23 4.85 8.72
CA MET D 211 -6.86 4.89 8.21
C MET D 211 -6.74 3.85 7.11
N LYS D 212 -5.92 4.16 6.10
CA LYS D 212 -5.72 3.23 4.99
C LYS D 212 -4.39 2.51 5.13
N SER D 213 -4.44 1.18 5.11
CA SER D 213 -3.23 0.37 5.19
C SER D 213 -2.51 0.35 3.84
N PRO D 214 -1.21 0.70 3.84
CA PRO D 214 -0.39 0.62 2.64
C PRO D 214 -0.02 -0.82 2.31
N PHE D 215 -0.39 -1.73 3.21
CA PHE D 215 -0.08 -3.15 3.08
C PHE D 215 -1.09 -3.88 2.22
N ASN D 216 -2.35 -3.86 2.64
CA ASN D 216 -3.43 -4.58 1.96
C ASN D 216 -4.43 -3.68 1.24
N ASN D 217 -4.13 -2.38 1.19
CA ASN D 217 -4.92 -1.41 0.43
C ASN D 217 -6.32 -1.13 0.98
N ARG D 218 -6.65 -1.75 2.12
CA ARG D 218 -7.99 -1.64 2.70
C ARG D 218 -8.06 -0.65 3.85
N TRP D 219 -9.18 0.06 3.95
CA TRP D 219 -9.40 1.04 5.01
C TRP D 219 -9.80 0.37 6.31
N TYR D 220 -9.23 0.85 7.41
CA TYR D 220 -9.51 0.32 8.73
C TYR D 220 -10.02 1.44 9.63
N GLN D 221 -10.98 1.14 10.49
CA GLN D 221 -11.47 2.13 11.44
C GLN D 221 -10.71 2.02 12.75
N MET D 222 -10.04 3.11 13.11
CA MET D 222 -9.25 3.15 14.34
C MET D 222 -9.98 3.82 15.49
N GLY D 223 -10.88 4.74 15.17
CA GLY D 223 -11.58 5.51 16.20
C GLY D 223 -13.04 5.84 15.90
N ILE D 224 -13.76 6.18 16.97
CA ILE D 224 -15.12 6.71 16.87
C ILE D 224 -15.12 8.08 17.51
N VAL D 225 -15.63 9.08 16.79
CA VAL D 225 -15.67 10.47 17.27
C VAL D 225 -16.33 10.60 18.65
N SER D 226 -15.50 10.67 19.69
CA SER D 226 -15.97 10.70 21.06
C SER D 226 -16.26 12.12 21.55
N TRP D 227 -15.21 12.84 21.98
CA TRP D 227 -15.38 14.20 22.51
C TRP D 227 -14.22 15.12 22.16
N GLY D 228 -14.33 16.35 22.66
CA GLY D 228 -13.32 17.37 22.51
C GLY D 228 -13.82 18.60 23.24
N GLU D 229 -13.00 19.64 23.27
CA GLU D 229 -13.37 20.88 23.92
C GLU D 229 -13.36 22.00 22.88
N GLY D 230 -14.54 22.56 22.64
CA GLY D 230 -14.75 23.48 21.52
C GLY D 230 -14.56 22.76 20.20
N CYS D 231 -14.49 23.54 19.13
CA CYS D 231 -14.17 23.00 17.81
C CYS D 231 -12.98 23.76 17.24
N ASP D 232 -11.94 23.03 16.87
CA ASP D 232 -10.77 23.59 16.17
C ASP D 232 -10.15 24.75 16.96
N ARG D 233 -9.79 24.48 18.21
CA ARG D 233 -9.17 25.49 19.08
C ARG D 233 -7.69 25.20 19.28
N ASP D 234 -6.91 26.25 19.54
CA ASP D 234 -5.46 26.12 19.67
C ASP D 234 -5.06 25.40 20.94
N GLY D 235 -4.17 24.42 20.80
CA GLY D 235 -3.69 23.63 21.93
C GLY D 235 -4.69 22.60 22.40
N LYS D 236 -5.78 22.45 21.65
CA LYS D 236 -6.85 21.51 21.99
C LYS D 236 -7.04 20.51 20.85
N TYR D 237 -7.20 19.24 21.21
CA TYR D 237 -7.35 18.16 20.22
C TYR D 237 -8.68 17.45 20.39
N GLY D 238 -9.16 16.83 19.31
CA GLY D 238 -10.35 16.00 19.35
C GLY D 238 -9.99 14.63 19.88
N PHE D 239 -10.94 13.99 20.55
CA PHE D 239 -10.73 12.66 21.11
C PHE D 239 -11.63 11.62 20.44
N TYR D 240 -11.09 10.42 20.26
CA TYR D 240 -11.75 9.35 19.52
C TYR D 240 -11.67 8.06 20.32
N THR D 241 -12.77 7.29 20.36
CA THR D 241 -12.78 6.00 21.05
C THR D 241 -11.86 5.03 20.32
N HIS D 242 -11.07 4.28 21.09
CA HIS D 242 -10.15 3.30 20.54
C HIS D 242 -10.89 2.03 20.10
N VAL D 243 -11.10 1.90 18.80
CA VAL D 243 -11.81 0.76 18.21
C VAL D 243 -11.09 -0.57 18.46
N PHE D 244 -9.76 -0.56 18.38
CA PHE D 244 -8.97 -1.78 18.49
C PHE D 244 -8.79 -2.31 19.92
N ARG D 245 -8.54 -1.42 20.87
CA ARG D 245 -8.42 -1.81 22.28
C ARG D 245 -9.74 -2.37 22.79
N LEU D 246 -10.83 -1.89 22.18
CA LEU D 246 -12.17 -2.39 22.49
C LEU D 246 -12.69 -3.27 21.36
N LYS D 247 -11.75 -3.94 20.67
CA LYS D 247 -12.08 -4.89 19.59
C LYS D 247 -12.78 -6.12 20.14
N LYS D 248 -12.32 -6.60 21.30
CA LYS D 248 -12.91 -7.77 21.96
C LYS D 248 -14.40 -7.60 22.20
N TRP D 249 -14.78 -6.51 22.88
CA TRP D 249 -16.18 -6.22 23.17
C TRP D 249 -17.04 -6.20 21.91
N ILE D 250 -16.48 -5.65 20.82
CA ILE D 250 -17.13 -5.67 19.52
C ILE D 250 -17.43 -7.12 19.10
N GLN D 251 -16.40 -7.96 19.12
CA GLN D 251 -16.52 -9.37 18.74
C GLN D 251 -17.28 -10.21 19.78
N LYS D 252 -17.42 -9.66 21.00
CA LYS D 252 -18.12 -10.33 22.09
C LYS D 252 -19.64 -10.24 21.89
N VAL D 253 -20.09 -9.07 21.43
CA VAL D 253 -21.51 -8.78 21.24
C VAL D 253 -22.08 -9.51 20.02
N ILE D 254 -21.32 -9.50 18.92
CA ILE D 254 -21.76 -10.09 17.64
C ILE D 254 -21.95 -11.61 17.72
N ASP D 255 -21.10 -12.28 18.48
CA ASP D 255 -21.21 -13.73 18.70
C ASP D 255 -22.29 -14.07 19.74
N GLN D 256 -22.62 -13.09 20.58
CA GLN D 256 -23.60 -13.24 21.65
C GLN D 256 -25.05 -13.18 21.15
N PHE D 257 -25.26 -12.42 20.07
CA PHE D 257 -26.61 -12.09 19.56
C PHE D 257 -27.44 -11.31 20.59
NA NA E . 26.37 -9.00 1.61
S 15U F . 33.07 -12.24 -10.36
O1 15U F . 33.85 -11.81 -9.23
O2 15U F . 33.11 -13.67 -10.43
C1 15U F . 33.13 -7.83 -11.31
C2 15U F . 32.89 -7.47 -12.77
C3 15U F . 33.94 -8.15 -13.64
C4 15U F . 34.00 -9.62 -13.31
C5 15U F . 34.53 -10.53 -14.23
C6 15U F . 34.58 -11.89 -13.94
C7 15U F . 34.13 -12.41 -12.72
C8 15U F . 33.59 -11.59 -11.73
C9 15U F . 33.50 -10.13 -12.00
C10 15U F . 32.89 -5.95 -12.97
N 15U F . 32.99 -9.26 -11.10
N1 15U F . 31.55 -11.76 -10.13
CA 15U F . 30.51 -12.22 -11.03
C 15U F . 30.07 -11.12 -11.97
O 15U F . 30.17 -9.96 -11.60
CB 15U F . 29.36 -12.80 -10.21
CG 15U F . 28.50 -11.75 -9.53
CD 15U F . 27.18 -12.35 -9.06
NE 15U F . 26.82 -11.87 -7.74
CZ 15U F . 26.06 -10.80 -7.53
NH1 15U F . 25.88 -10.39 -6.27
NH2 15U F . 25.51 -10.17 -8.48
N2 15U F . 29.57 -11.43 -13.18
C11 15U F . 29.44 -12.83 -13.61
C21 15U F . 30.07 -13.03 -14.98
C31 15U F . 29.65 -11.98 -16.00
C41 15U F . 29.95 -10.60 -15.42
C51 15U F . 29.09 -10.43 -14.15
C61 15U F . 27.99 -13.28 -13.54
O11 15U F . 27.21 -12.65 -12.81
O21 15U F . 27.63 -14.27 -14.21
C71 15U F . 30.33 -12.17 -17.35
NA NA G . -7.38 21.98 17.58
S 15U H . -18.48 20.44 24.83
O1 15U H . -17.52 21.24 25.54
O2 15U H . -19.56 21.29 24.39
C1 15U H . -15.87 17.78 27.30
C2 15U H . -16.46 16.38 27.54
C3 15U H . -17.81 16.50 28.26
C4 15U H . -18.71 17.39 27.43
C5 15U H . -20.10 17.24 27.46
C6 15U H . -20.93 18.06 26.69
C7 15U H . -20.42 19.07 25.87
C8 15U H . -19.05 19.30 25.77
C9 15U H . -18.11 18.45 26.57
C10 15U H . -15.52 15.48 28.33
N 15U H . -16.77 18.62 26.52
N1 15U H . -17.78 19.75 23.55
CA 15U H . -18.53 18.91 22.64
C 15U H . -18.42 17.42 22.96
O 15U H . -17.36 16.99 23.37
CB 15U H . -18.14 19.24 21.20
CG 15U H . -16.77 18.69 20.77
CD 15U H . -16.94 17.74 19.61
NE 15U H . -15.73 17.58 18.82
CZ 15U H . -15.10 16.40 18.70
NH1 15U H . -13.83 16.36 18.33
NH2 15U H . -15.70 15.32 18.94
N2 15U H . -19.48 16.60 22.80
C11 15U H . -20.85 17.09 22.56
C21 15U H . -21.76 16.57 23.68
C31 15U H . -21.65 15.07 23.96
C41 15U H . -20.17 14.67 24.10
C51 15U H . -19.37 15.14 22.89
C61 15U H . -21.46 16.73 21.22
O11 15U H . -21.22 15.61 20.70
O21 15U H . -22.22 17.56 20.66
C71 15U H . -22.46 14.68 25.18
#